data_3FM7
#
_entry.id   3FM7
#
_cell.length_a   115.790
_cell.length_b   115.790
_cell.length_c   90.500
_cell.angle_alpha   90.00
_cell.angle_beta   90.00
_cell.angle_gamma   120.00
#
_symmetry.space_group_name_H-M   'P 62'
#
loop_
_entity.id
_entity.type
_entity.pdbx_description
1 polymer 'Dynein light chain Tctex-type'
2 polymer 'Dynein intermediate chain, cytosolic'
3 polymer 'Dynein light chain 1, cytoplasmic'
#
loop_
_entity_poly.entity_id
_entity_poly.type
_entity_poly.pdbx_seq_one_letter_code
_entity_poly.pdbx_strand_id
1 'polypeptide(L)'
;MDDSREESQFIVDDVSKTIKEAIETTIGGNAYQHDKVNNWTGQVVENCLTVLTKEQKPYKYIVTAMIMQKNGAGLHTASS
CYWNNDTDGSCTVRWENKTMYCIVSVFGLAV
;
A,B
2 'polypeptide(L)' NLSVYNVQATNIPPKETLVYTKQTQTT C,D
3 'polypeptide(L)'
;MSDRKAVIKNADMSEEMQQDAVDCATQALEKYNIEKDIAAYIKKEFDKKYNPTWHCIVGRNFGSYVTHETRHFIYFYLGQ
VAILLFKSG
;
E,F
#
# COMPACT_ATOMS: atom_id res chain seq x y z
N GLN A 9 -10.94 -9.49 -38.36
CA GLN A 9 -11.47 -9.99 -37.05
C GLN A 9 -10.47 -9.77 -35.93
N PHE A 10 -10.85 -8.96 -34.96
CA PHE A 10 -10.02 -8.74 -33.77
C PHE A 10 -10.25 -9.83 -32.74
N ILE A 11 -9.48 -10.92 -32.85
CA ILE A 11 -9.72 -12.12 -32.05
C ILE A 11 -9.40 -11.88 -30.58
N VAL A 12 -10.39 -11.41 -29.83
CA VAL A 12 -10.14 -10.88 -28.49
C VAL A 12 -9.85 -12.01 -27.50
N ASP A 13 -10.55 -13.12 -27.65
CA ASP A 13 -10.32 -14.30 -26.81
C ASP A 13 -8.92 -14.85 -27.02
N ASP A 14 -8.42 -14.75 -28.24
CA ASP A 14 -7.09 -15.24 -28.57
C ASP A 14 -6.01 -14.26 -28.11
N VAL A 15 -6.27 -12.97 -28.30
CA VAL A 15 -5.36 -11.93 -27.82
C VAL A 15 -5.46 -11.76 -26.31
N SER A 16 -6.45 -12.40 -25.71
CA SER A 16 -6.49 -12.58 -24.26
C SER A 16 -5.28 -13.37 -23.78
N LYS A 17 -5.10 -14.56 -24.33
CA LYS A 17 -3.97 -15.41 -23.95
C LYS A 17 -2.64 -14.70 -24.14
N THR A 18 -2.53 -13.94 -25.24
CA THR A 18 -1.28 -13.27 -25.58
C THR A 18 -0.78 -12.43 -24.41
N ILE A 19 -1.70 -11.79 -23.70
CA ILE A 19 -1.34 -10.91 -22.59
C ILE A 19 -0.99 -11.71 -21.35
N LYS A 20 -1.75 -12.77 -21.09
CA LYS A 20 -1.46 -13.68 -19.99
C LYS A 20 -0.14 -14.41 -20.20
N GLU A 21 0.42 -14.27 -21.41
CA GLU A 21 1.73 -14.83 -21.71
C GLU A 21 2.84 -13.82 -21.43
N ALA A 22 2.44 -12.57 -21.16
CA ALA A 22 3.37 -11.56 -20.68
C ALA A 22 3.60 -11.67 -19.19
N ILE A 23 3.27 -12.84 -18.63
CA ILE A 23 3.66 -13.16 -17.25
C ILE A 23 4.57 -14.39 -17.22
N GLU A 24 4.45 -15.24 -18.23
CA GLU A 24 5.38 -16.34 -18.42
C GLU A 24 6.67 -15.87 -19.08
N THR A 25 6.86 -14.56 -19.13
CA THR A 25 8.09 -13.98 -19.64
C THR A 25 9.01 -13.51 -18.51
N THR A 26 8.81 -12.26 -18.08
CA THR A 26 9.66 -11.67 -17.05
C THR A 26 9.29 -12.19 -15.66
N ILE A 27 9.65 -11.42 -14.64
CA ILE A 27 9.59 -11.91 -13.27
C ILE A 27 8.15 -12.09 -12.80
N GLY A 28 7.26 -12.33 -13.76
CA GLY A 28 5.90 -12.74 -13.45
C GLY A 28 5.85 -14.07 -12.72
N GLY A 29 6.79 -14.27 -11.80
CA GLY A 29 6.64 -15.27 -10.75
C GLY A 29 7.60 -15.07 -9.60
N ASN A 30 8.26 -13.91 -9.60
CA ASN A 30 9.05 -13.48 -8.44
C ASN A 30 8.26 -12.50 -7.57
N ALA A 31 8.97 -11.52 -7.01
CA ALA A 31 8.35 -10.52 -6.16
C ALA A 31 8.94 -9.13 -6.39
N TYR A 32 8.38 -8.13 -5.73
CA TYR A 32 8.52 -6.75 -6.17
C TYR A 32 9.51 -5.98 -5.30
N GLN A 33 10.32 -5.14 -5.93
CA GLN A 33 11.15 -4.18 -5.21
C GLN A 33 11.69 -3.10 -6.14
N HIS A 34 12.09 -1.97 -5.56
CA HIS A 34 12.00 -0.69 -6.23
C HIS A 34 13.03 -0.58 -7.35
N ASP A 35 14.24 -1.07 -7.09
CA ASP A 35 15.41 -0.67 -7.85
C ASP A 35 15.47 -1.41 -9.19
N LYS A 36 14.56 -2.35 -9.38
CA LYS A 36 14.63 -3.28 -10.50
C LYS A 36 13.30 -3.34 -11.25
N VAL A 37 12.42 -2.39 -10.97
CA VAL A 37 11.03 -2.49 -11.39
C VAL A 37 10.85 -2.05 -12.83
N ASN A 38 11.49 -0.94 -13.20
CA ASN A 38 11.27 -0.31 -14.49
C ASN A 38 11.93 -1.10 -15.62
N ASN A 39 12.64 -2.16 -15.28
CA ASN A 39 13.03 -3.18 -16.24
C ASN A 39 11.85 -4.00 -16.74
N TRP A 40 11.01 -4.44 -15.80
CA TRP A 40 9.87 -5.27 -16.14
C TRP A 40 8.85 -4.51 -16.98
N THR A 41 8.30 -3.44 -16.41
CA THR A 41 7.19 -2.74 -17.02
C THR A 41 7.38 -2.57 -18.52
N GLY A 42 8.48 -1.93 -18.91
CA GLY A 42 8.77 -1.66 -20.32
C GLY A 42 8.78 -2.92 -21.15
N GLN A 43 9.31 -3.99 -20.58
CA GLN A 43 9.51 -5.24 -21.31
C GLN A 43 8.19 -5.97 -21.55
N VAL A 44 7.30 -5.89 -20.56
CA VAL A 44 5.96 -6.45 -20.70
C VAL A 44 5.22 -5.85 -21.88
N VAL A 45 5.38 -4.54 -22.06
CA VAL A 45 4.77 -3.85 -23.19
C VAL A 45 5.43 -4.25 -24.50
N GLU A 46 6.73 -4.48 -24.47
CA GLU A 46 7.51 -4.73 -25.67
C GLU A 46 7.11 -6.05 -26.32
N ASN A 47 7.13 -7.12 -25.53
CA ASN A 47 7.00 -8.47 -26.05
C ASN A 47 5.58 -8.76 -26.56
N CYS A 48 4.60 -8.17 -25.89
CA CYS A 48 3.21 -8.31 -26.30
C CYS A 48 2.94 -7.59 -27.61
N LEU A 49 3.83 -6.67 -27.97
CA LEU A 49 3.68 -5.89 -29.19
C LEU A 49 4.18 -6.66 -30.41
N THR A 50 5.28 -7.37 -30.24
CA THR A 50 5.96 -8.02 -31.36
C THR A 50 5.09 -9.12 -31.96
N VAL A 51 4.23 -9.71 -31.14
CA VAL A 51 3.51 -10.91 -31.52
C VAL A 51 2.14 -10.57 -32.10
N LEU A 52 1.97 -9.32 -32.51
CA LEU A 52 0.83 -8.92 -33.32
C LEU A 52 1.27 -8.07 -34.52
N THR A 53 2.51 -7.59 -34.47
CA THR A 53 3.11 -6.92 -35.62
C THR A 53 3.87 -7.92 -36.50
N LYS A 54 4.35 -8.99 -35.90
CA LYS A 54 4.77 -10.17 -36.65
C LYS A 54 3.64 -10.69 -37.53
N GLU A 55 2.42 -10.63 -37.02
CA GLU A 55 1.26 -11.09 -37.77
C GLU A 55 0.93 -10.14 -38.91
N GLN A 56 1.62 -9.00 -38.94
CA GLN A 56 1.24 -7.90 -39.82
C GLN A 56 -0.19 -8.04 -40.31
N LYS A 57 -1.13 -7.61 -39.47
CA LYS A 57 -2.49 -7.35 -39.92
C LYS A 57 -2.76 -5.85 -40.02
N PRO A 58 -3.93 -5.48 -40.55
CA PRO A 58 -4.25 -4.10 -40.89
C PRO A 58 -4.55 -3.26 -39.64
N TYR A 59 -4.03 -3.70 -38.50
CA TYR A 59 -4.31 -3.04 -37.23
C TYR A 59 -3.17 -2.10 -36.83
N LYS A 60 -3.50 -1.04 -36.10
CA LYS A 60 -2.55 -0.41 -35.20
C LYS A 60 -2.77 -0.86 -33.76
N TYR A 61 -1.77 -0.63 -32.91
CA TYR A 61 -1.78 -1.16 -31.56
C TYR A 61 -1.26 -0.13 -30.55
N ILE A 62 -2.10 0.21 -29.59
CA ILE A 62 -1.62 0.81 -28.35
C ILE A 62 -1.72 -0.16 -27.18
N VAL A 63 -0.75 -0.11 -26.28
CA VAL A 63 -0.62 -1.13 -25.24
C VAL A 63 0.03 -0.55 -23.98
N THR A 64 -0.68 -0.60 -22.87
CA THR A 64 -0.19 -0.04 -21.62
C THR A 64 -0.15 -1.10 -20.52
N ALA A 65 0.75 -0.92 -19.56
CA ALA A 65 0.92 -1.87 -18.48
C ALA A 65 1.40 -1.19 -17.20
N MET A 66 0.70 -1.45 -16.10
CA MET A 66 0.81 -0.62 -14.91
C MET A 66 1.08 -1.46 -13.66
N ILE A 67 1.86 -0.90 -12.74
CA ILE A 67 2.37 -1.67 -11.61
C ILE A 67 2.41 -0.82 -10.34
N MET A 68 1.83 -1.35 -9.27
CA MET A 68 1.67 -0.59 -8.04
C MET A 68 1.86 -1.49 -6.81
N GLN A 69 3.04 -1.42 -6.21
CA GLN A 69 3.26 -1.96 -4.87
C GLN A 69 1.94 -2.16 -4.13
N LYS A 70 1.79 -3.31 -3.50
CA LYS A 70 0.58 -3.62 -2.75
C LYS A 70 0.64 -3.04 -1.34
N ASN A 71 0.47 -1.73 -1.23
CA ASN A 71 0.68 -1.03 0.03
C ASN A 71 -0.62 -0.82 0.80
N GLY A 72 -1.73 -0.67 0.07
CA GLY A 72 -3.00 -0.31 0.67
C GLY A 72 -3.48 1.07 0.24
N ALA A 73 -2.99 1.52 -0.92
CA ALA A 73 -3.51 2.73 -1.55
C ALA A 73 -4.49 2.40 -2.66
N GLY A 74 -5.42 3.31 -2.91
CA GLY A 74 -6.51 3.05 -3.84
C GLY A 74 -6.14 3.35 -5.29
N LEU A 75 -6.71 2.59 -6.21
CA LEU A 75 -6.28 2.63 -7.60
C LEU A 75 -7.48 2.52 -8.55
N HIS A 76 -7.53 3.42 -9.53
CA HIS A 76 -8.74 3.61 -10.32
C HIS A 76 -8.40 4.07 -11.74
N THR A 77 -9.06 3.46 -12.72
CA THR A 77 -8.70 3.66 -14.12
C THR A 77 -9.93 3.99 -14.96
N ALA A 78 -9.69 4.39 -16.21
CA ALA A 78 -10.77 4.87 -17.07
C ALA A 78 -10.47 4.59 -18.54
N SER A 79 -11.47 4.13 -19.27
CA SER A 79 -11.25 3.44 -20.54
C SER A 79 -12.17 3.97 -21.62
N SER A 80 -12.27 5.30 -21.70
CA SER A 80 -13.08 5.95 -22.72
C SER A 80 -12.32 6.05 -24.05
N CYS A 81 -12.85 5.40 -25.08
CA CYS A 81 -12.19 5.37 -26.38
C CYS A 81 -13.21 5.41 -27.51
N TYR A 82 -12.74 5.69 -28.72
CA TYR A 82 -13.59 6.24 -29.77
C TYR A 82 -13.10 5.82 -31.15
N TRP A 83 -13.78 4.83 -31.73
CA TRP A 83 -13.20 4.02 -32.80
C TRP A 83 -14.28 3.37 -33.65
N ASN A 84 -13.87 2.51 -34.56
CA ASN A 84 -14.81 1.72 -35.36
C ASN A 84 -15.40 0.57 -34.57
N ASN A 85 -16.67 0.72 -34.16
CA ASN A 85 -17.24 -0.12 -33.12
C ASN A 85 -17.63 -1.50 -33.64
N ASP A 86 -16.78 -2.06 -34.50
CA ASP A 86 -17.06 -3.36 -35.11
C ASP A 86 -15.76 -4.06 -35.51
N THR A 87 -14.79 -3.29 -35.98
CA THR A 87 -13.48 -3.82 -36.34
C THR A 87 -12.45 -3.55 -35.25
N ASP A 88 -12.50 -2.35 -34.69
CA ASP A 88 -11.62 -1.99 -33.59
C ASP A 88 -12.07 -2.62 -32.28
N GLY A 89 -11.12 -2.84 -31.37
CA GLY A 89 -11.28 -3.83 -30.32
C GLY A 89 -10.29 -3.65 -29.19
N SER A 90 -10.74 -3.90 -27.97
CA SER A 90 -9.90 -3.73 -26.79
C SER A 90 -9.75 -5.03 -26.02
N CYS A 91 -8.62 -5.19 -25.35
CA CYS A 91 -8.43 -6.28 -24.40
C CYS A 91 -7.69 -5.82 -23.15
N THR A 92 -8.33 -5.96 -21.99
CA THR A 92 -7.67 -5.68 -20.72
C THR A 92 -7.75 -6.88 -19.79
N VAL A 93 -6.64 -7.16 -19.11
CA VAL A 93 -6.57 -8.29 -18.18
C VAL A 93 -5.90 -7.89 -16.87
N ARG A 94 -6.22 -8.62 -15.80
CA ARG A 94 -5.68 -8.31 -14.49
C ARG A 94 -4.97 -9.52 -13.90
N TRP A 95 -3.81 -9.28 -13.29
CA TRP A 95 -3.07 -10.33 -12.59
C TRP A 95 -2.34 -9.78 -11.38
N GLU A 96 -2.45 -10.48 -10.26
CA GLU A 96 -1.78 -10.06 -9.02
C GLU A 96 -1.10 -11.23 -8.33
N ASN A 97 -0.06 -10.92 -7.55
CA ASN A 97 0.45 -11.87 -6.57
C ASN A 97 0.18 -11.42 -5.14
N LYS A 98 1.13 -11.66 -4.25
CA LYS A 98 1.04 -11.20 -2.87
C LYS A 98 1.82 -9.91 -2.66
N THR A 99 2.58 -9.51 -3.68
CA THR A 99 3.39 -8.30 -3.61
C THR A 99 2.71 -7.13 -4.29
N MET A 100 2.04 -7.42 -5.42
CA MET A 100 1.78 -6.39 -6.42
C MET A 100 0.49 -6.69 -7.17
N TYR A 101 -0.36 -5.68 -7.31
CA TYR A 101 -1.37 -5.65 -8.36
C TYR A 101 -0.77 -5.28 -9.70
N CYS A 102 -1.10 -6.05 -10.74
CA CYS A 102 -0.64 -5.76 -12.08
C CYS A 102 -1.79 -5.74 -13.08
N ILE A 103 -1.71 -4.84 -14.06
CA ILE A 103 -2.86 -4.48 -14.87
C ILE A 103 -2.43 -4.01 -16.25
N VAL A 104 -2.93 -4.70 -17.29
CA VAL A 104 -2.45 -4.49 -18.65
C VAL A 104 -3.61 -4.42 -19.63
N SER A 105 -3.49 -3.54 -20.62
CA SER A 105 -4.50 -3.43 -21.67
C SER A 105 -3.86 -3.13 -23.01
N VAL A 106 -4.55 -3.53 -24.09
CA VAL A 106 -4.07 -3.26 -25.44
C VAL A 106 -5.22 -2.87 -26.36
N PHE A 107 -4.92 -1.99 -27.32
CA PHE A 107 -5.94 -1.48 -28.24
C PHE A 107 -5.54 -1.72 -29.68
N GLY A 108 -6.38 -2.45 -30.41
CA GLY A 108 -6.26 -2.54 -31.86
C GLY A 108 -7.28 -1.69 -32.59
N LEU A 109 -6.85 -1.07 -33.68
CA LEU A 109 -7.73 -0.21 -34.46
C LEU A 109 -7.53 -0.45 -35.96
N ALA A 110 -8.26 0.31 -36.77
CA ALA A 110 -8.53 -0.08 -38.16
C ALA A 110 -7.38 0.30 -39.07
N VAL A 111 -7.53 -0.01 -40.35
CA VAL A 111 -6.65 0.55 -41.39
C VAL A 111 -5.27 0.85 -40.81
N SER B 8 -6.88 17.34 -40.92
CA SER B 8 -6.09 17.97 -39.82
C SER B 8 -5.06 16.99 -39.25
N GLN B 9 -4.41 17.39 -38.17
CA GLN B 9 -3.47 16.52 -37.47
C GLN B 9 -3.57 16.70 -35.96
N PHE B 10 -2.49 16.37 -35.26
CA PHE B 10 -2.54 16.20 -33.81
C PHE B 10 -1.63 17.20 -33.10
N ILE B 11 -2.17 18.37 -32.80
CA ILE B 11 -1.47 19.35 -31.98
C ILE B 11 -1.36 18.88 -30.54
N VAL B 12 -0.14 18.71 -30.06
CA VAL B 12 0.11 18.10 -28.76
C VAL B 12 -0.25 19.06 -27.63
N ASP B 13 -0.10 20.36 -27.88
CA ASP B 13 -0.49 21.38 -26.93
C ASP B 13 -2.00 21.49 -26.82
N ASP B 14 -2.67 21.44 -27.97
CA ASP B 14 -4.13 21.54 -28.01
C ASP B 14 -4.77 20.24 -27.53
N VAL B 15 -4.01 19.43 -26.82
CA VAL B 15 -4.56 18.35 -26.02
C VAL B 15 -4.20 18.51 -24.54
N SER B 16 -2.95 18.89 -24.29
CA SER B 16 -2.44 19.00 -22.92
C SER B 16 -3.06 20.19 -22.20
N LYS B 17 -3.29 21.26 -22.93
CA LYS B 17 -4.08 22.39 -22.43
C LYS B 17 -5.55 21.98 -22.25
N THR B 18 -6.00 21.01 -23.04
CA THR B 18 -7.37 20.55 -22.99
C THR B 18 -7.57 19.50 -21.90
N ILE B 19 -6.56 18.67 -21.70
CA ILE B 19 -6.51 17.79 -20.54
C ILE B 19 -6.50 18.60 -19.24
N LYS B 20 -5.54 19.52 -19.12
CA LYS B 20 -5.36 20.29 -17.89
C LYS B 20 -6.70 20.77 -17.35
N GLU B 21 -7.43 21.52 -18.16
CA GLU B 21 -8.76 22.00 -17.78
C GLU B 21 -9.60 20.88 -17.17
N ALA B 22 -9.66 19.75 -17.86
CA ALA B 22 -10.38 18.59 -17.38
C ALA B 22 -9.96 18.23 -15.95
N ILE B 23 -8.69 17.90 -15.78
CA ILE B 23 -8.15 17.56 -14.48
C ILE B 23 -8.57 18.57 -13.42
N GLU B 24 -8.28 19.84 -13.68
CA GLU B 24 -8.47 20.89 -12.67
C GLU B 24 -9.96 21.13 -12.42
N THR B 25 -10.79 20.82 -13.42
CA THR B 25 -12.23 20.89 -13.27
C THR B 25 -12.72 19.85 -12.26
N THR B 26 -12.37 18.59 -12.51
CA THR B 26 -13.02 17.47 -11.83
C THR B 26 -12.44 17.30 -10.41
N ILE B 27 -11.12 17.31 -10.32
CA ILE B 27 -10.44 16.95 -9.07
C ILE B 27 -9.62 18.11 -8.53
N GLY B 28 -9.82 19.28 -9.13
CA GLY B 28 -9.25 20.52 -8.59
C GLY B 28 -10.05 21.06 -7.42
N GLY B 29 -9.50 20.94 -6.22
CA GLY B 29 -10.11 21.53 -5.03
C GLY B 29 -10.83 20.51 -4.19
N ASN B 30 -10.33 19.27 -4.21
CA ASN B 30 -10.77 18.26 -3.26
C ASN B 30 -9.75 17.14 -3.10
N ALA B 31 -9.66 16.58 -1.90
CA ALA B 31 -8.72 15.50 -1.61
C ALA B 31 -9.35 14.14 -1.90
N TYR B 32 -8.58 13.08 -1.66
CA TYR B 32 -8.98 11.74 -2.06
C TYR B 32 -10.16 11.24 -1.23
N GLN B 33 -11.08 10.53 -1.88
CA GLN B 33 -12.21 9.92 -1.20
C GLN B 33 -12.84 8.83 -2.03
N HIS B 34 -12.96 7.64 -1.45
CA HIS B 34 -13.27 6.44 -2.23
C HIS B 34 -14.63 6.55 -2.90
N ASP B 35 -15.60 7.12 -2.18
CA ASP B 35 -16.99 7.12 -2.63
C ASP B 35 -17.16 8.00 -3.86
N LYS B 36 -16.05 8.51 -4.38
CA LYS B 36 -16.10 9.58 -5.37
C LYS B 36 -15.14 9.31 -6.53
N VAL B 37 -13.98 8.75 -6.20
CA VAL B 37 -12.88 8.66 -7.15
C VAL B 37 -13.36 8.20 -8.53
N ASN B 38 -13.98 7.02 -8.55
CA ASN B 38 -14.27 6.34 -9.81
C ASN B 38 -15.20 7.16 -10.71
N ASN B 39 -16.07 7.95 -10.09
CA ASN B 39 -16.88 8.91 -10.83
C ASN B 39 -16.07 10.10 -11.33
N TRP B 40 -14.93 10.34 -10.67
CA TRP B 40 -14.01 11.39 -11.11
C TRP B 40 -13.30 10.98 -12.40
N THR B 41 -12.54 9.90 -12.34
CA THR B 41 -11.95 9.31 -13.54
C THR B 41 -12.98 9.17 -14.65
N GLY B 42 -14.17 8.70 -14.30
CA GLY B 42 -15.27 8.61 -15.25
C GLY B 42 -15.52 9.92 -15.98
N GLN B 43 -15.54 11.01 -15.23
CA GLN B 43 -15.72 12.34 -15.82
C GLN B 43 -14.50 12.74 -16.63
N VAL B 44 -13.35 12.84 -15.97
CA VAL B 44 -12.12 13.28 -16.61
C VAL B 44 -12.05 12.81 -18.06
N VAL B 45 -12.34 11.53 -18.27
CA VAL B 45 -12.15 10.91 -19.59
C VAL B 45 -13.33 11.21 -20.51
N GLU B 46 -14.54 10.97 -20.02
CA GLU B 46 -15.75 11.34 -20.76
C GLU B 46 -15.91 12.85 -20.84
N ASN B 47 -14.83 13.57 -20.54
CA ASN B 47 -14.85 15.03 -20.62
C ASN B 47 -13.97 15.55 -21.75
N CYS B 48 -12.75 15.05 -21.83
CA CYS B 48 -11.91 15.21 -23.01
C CYS B 48 -12.65 14.74 -24.26
N LEU B 49 -13.10 13.49 -24.25
CA LEU B 49 -13.79 12.91 -25.39
C LEU B 49 -14.88 13.85 -25.90
N THR B 50 -15.58 14.51 -24.98
CA THR B 50 -16.65 15.43 -25.34
C THR B 50 -16.08 16.70 -25.98
N VAL B 51 -14.75 16.80 -26.01
CA VAL B 51 -14.09 18.05 -26.40
C VAL B 51 -13.29 17.87 -27.69
N LEU B 52 -12.64 16.72 -27.82
CA LEU B 52 -11.88 16.39 -29.02
C LEU B 52 -12.71 15.58 -30.00
N THR B 53 -14.03 15.67 -29.87
CA THR B 53 -14.94 15.13 -30.87
C THR B 53 -15.85 16.20 -31.44
N LYS B 54 -16.28 17.12 -30.59
CA LYS B 54 -16.61 18.48 -31.01
C LYS B 54 -15.56 19.02 -31.97
N GLU B 55 -14.32 18.57 -31.80
CA GLU B 55 -13.21 19.12 -32.57
C GLU B 55 -13.30 18.74 -34.04
N GLN B 56 -13.93 17.60 -34.31
CA GLN B 56 -14.33 17.25 -35.67
C GLN B 56 -13.12 17.00 -36.55
N LYS B 57 -12.15 16.24 -36.03
CA LYS B 57 -11.00 15.82 -36.82
C LYS B 57 -11.17 14.40 -37.33
N PRO B 58 -10.49 14.06 -38.44
CA PRO B 58 -10.50 12.72 -38.99
C PRO B 58 -9.65 11.75 -38.18
N TYR B 59 -9.90 11.69 -36.87
CA TYR B 59 -9.05 10.91 -35.97
C TYR B 59 -9.88 9.92 -35.17
N LYS B 60 -9.26 8.81 -34.80
CA LYS B 60 -9.71 8.01 -33.66
C LYS B 60 -8.90 8.32 -32.41
N TYR B 61 -9.49 8.10 -31.25
CA TYR B 61 -8.89 8.53 -29.98
C TYR B 61 -8.96 7.42 -28.94
N ILE B 62 -7.97 7.38 -28.06
CA ILE B 62 -8.08 6.64 -26.81
C ILE B 62 -7.61 7.50 -25.63
N VAL B 63 -8.34 7.42 -24.52
CA VAL B 63 -8.13 8.34 -23.41
C VAL B 63 -8.21 7.62 -22.08
N THR B 64 -7.13 7.67 -21.32
CA THR B 64 -7.05 6.97 -20.04
C THR B 64 -6.83 7.95 -18.89
N ALA B 65 -7.34 7.59 -17.72
CA ALA B 65 -7.00 8.29 -16.49
C ALA B 65 -6.58 7.32 -15.38
N MET B 66 -5.43 7.59 -14.77
CA MET B 66 -5.12 7.06 -13.45
C MET B 66 -5.42 8.08 -12.36
N ILE B 67 -5.92 7.61 -11.23
CA ILE B 67 -5.75 8.31 -9.96
C ILE B 67 -5.30 7.36 -8.86
N MET B 68 -4.15 7.65 -8.26
CA MET B 68 -3.64 6.86 -7.14
C MET B 68 -3.50 7.70 -5.88
N GLN B 69 -4.12 7.23 -4.79
CA GLN B 69 -3.86 7.76 -3.46
C GLN B 69 -2.36 7.89 -3.21
N LYS B 70 -1.96 8.98 -2.57
CA LYS B 70 -0.66 9.07 -1.92
C LYS B 70 -0.67 8.38 -0.57
N ASN B 71 -0.09 7.18 -0.51
CA ASN B 71 0.07 6.46 0.74
C ASN B 71 1.47 5.89 0.91
N GLY B 72 2.24 5.88 -0.17
CA GLY B 72 3.60 5.37 -0.14
C GLY B 72 3.76 4.10 -0.94
N ALA B 73 2.73 3.74 -1.70
CA ALA B 73 2.84 2.70 -2.71
C ALA B 73 3.63 3.19 -3.92
N GLY B 74 4.14 2.25 -4.71
CA GLY B 74 5.06 2.56 -5.79
C GLY B 74 4.50 2.24 -7.15
N LEU B 75 4.16 3.27 -7.92
CA LEU B 75 3.49 3.09 -9.21
C LEU B 75 4.49 3.22 -10.35
N HIS B 76 4.17 2.60 -11.49
CA HIS B 76 5.12 2.49 -12.59
C HIS B 76 4.39 2.45 -13.93
N THR B 77 4.65 3.44 -14.78
CA THR B 77 3.98 3.54 -16.07
C THR B 77 4.84 2.98 -17.19
N ALA B 78 4.19 2.39 -18.19
CA ALA B 78 4.87 2.03 -19.43
C ALA B 78 3.89 1.92 -20.59
N SER B 79 4.24 2.51 -21.72
CA SER B 79 3.29 2.69 -22.81
C SER B 79 4.00 2.90 -24.14
N SER B 80 4.16 1.83 -24.91
CA SER B 80 4.53 1.93 -26.32
C SER B 80 3.33 1.67 -27.22
N CYS B 81 3.46 2.06 -28.49
CA CYS B 81 2.40 1.84 -29.47
C CYS B 81 2.97 1.51 -30.84
N TYR B 82 2.08 1.40 -31.83
CA TYR B 82 2.45 0.84 -33.13
C TYR B 82 1.77 1.59 -34.26
N TRP B 83 1.84 2.92 -34.21
CA TRP B 83 1.15 3.76 -35.18
C TRP B 83 2.12 4.29 -36.24
N ASN B 84 1.63 5.15 -37.12
CA ASN B 84 2.48 5.88 -38.05
C ASN B 84 2.93 7.22 -37.48
N ASN B 85 4.22 7.33 -37.20
CA ASN B 85 4.73 8.39 -36.35
C ASN B 85 4.41 9.78 -36.89
N ASP B 86 4.06 9.84 -38.17
CA ASP B 86 3.89 11.11 -38.86
C ASP B 86 2.44 11.58 -38.83
N THR B 87 1.52 10.62 -38.75
CA THR B 87 0.09 10.92 -38.77
C THR B 87 -0.48 10.93 -37.35
N ASP B 88 0.19 10.24 -36.44
CA ASP B 88 -0.39 9.90 -35.15
C ASP B 88 0.47 10.43 -34.01
N GLY B 89 -0.16 10.69 -32.86
CA GLY B 89 0.55 11.18 -31.68
C GLY B 89 -0.31 11.15 -30.44
N SER B 90 0.32 11.36 -29.30
CA SER B 90 -0.33 11.14 -28.01
C SER B 90 0.22 12.08 -26.94
N CYS B 91 -0.61 12.39 -25.95
CA CYS B 91 -0.23 13.33 -24.89
C CYS B 91 -0.47 12.73 -23.51
N THR B 92 0.56 12.75 -22.67
CA THR B 92 0.41 12.38 -21.27
C THR B 92 0.54 13.59 -20.36
N VAL B 93 -0.12 13.53 -19.21
CA VAL B 93 -0.17 14.66 -18.29
C VAL B 93 -0.22 14.19 -16.84
N ARG B 94 0.58 14.82 -15.98
CA ARG B 94 0.75 14.36 -14.61
C ARG B 94 0.42 15.47 -13.61
N TRP B 95 -0.30 15.10 -12.55
CA TRP B 95 -0.97 16.08 -11.71
C TRP B 95 -1.08 15.59 -10.27
N GLU B 96 -0.25 16.17 -9.39
CA GLU B 96 -0.29 15.85 -7.97
C GLU B 96 -1.17 16.84 -7.21
N ASN B 97 -1.76 16.37 -6.12
CA ASN B 97 -1.99 17.21 -4.95
C ASN B 97 -1.28 16.67 -3.71
N LYS B 98 -2.01 16.60 -2.60
CA LYS B 98 -1.46 16.12 -1.34
C LYS B 98 -1.78 14.66 -1.10
N THR B 99 -2.91 14.22 -1.64
CA THR B 99 -3.56 12.98 -1.18
C THR B 99 -3.65 11.96 -2.30
N MET B 100 -3.37 12.39 -3.52
CA MET B 100 -3.30 11.48 -4.66
C MET B 100 -2.54 12.10 -5.82
N TYR B 101 -1.71 11.29 -6.49
CA TYR B 101 -1.25 11.61 -7.83
C TYR B 101 -2.29 11.27 -8.87
N CYS B 102 -1.96 11.52 -10.14
CA CYS B 102 -2.93 11.38 -11.23
C CYS B 102 -2.25 11.50 -12.59
N ILE B 103 -2.65 10.64 -13.51
CA ILE B 103 -2.04 10.59 -14.85
C ILE B 103 -3.09 10.40 -15.93
N VAL B 104 -3.08 11.27 -16.92
CA VAL B 104 -4.04 11.22 -18.02
C VAL B 104 -3.33 11.19 -19.37
N SER B 105 -3.74 10.25 -20.22
CA SER B 105 -3.02 9.98 -21.46
C SER B 105 -3.97 9.76 -22.62
N VAL B 106 -4.04 10.73 -23.52
CA VAL B 106 -4.88 10.62 -24.71
C VAL B 106 -4.04 10.28 -25.93
N PHE B 107 -4.59 9.45 -26.81
CA PHE B 107 -3.88 9.01 -28.02
C PHE B 107 -4.66 9.37 -29.27
N GLY B 108 -3.94 9.57 -30.37
CA GLY B 108 -4.49 10.25 -31.54
C GLY B 108 -4.21 9.50 -32.83
N LEU B 109 -4.92 8.40 -33.04
CA LEU B 109 -4.74 7.58 -34.24
C LEU B 109 -5.63 8.06 -35.36
N ALA B 110 -5.10 8.06 -36.58
CA ALA B 110 -5.82 8.58 -37.74
C ALA B 110 -6.47 7.44 -38.52
N VAL B 111 -7.49 7.78 -39.31
CA VAL B 111 -8.39 6.78 -39.88
C VAL B 111 -7.78 6.11 -41.10
N ASN C 1 -20.40 3.76 -37.77
CA ASN C 1 -19.05 4.37 -37.88
C ASN C 1 -18.37 4.54 -36.52
N LEU C 2 -17.96 5.76 -36.22
CA LEU C 2 -17.10 6.01 -35.07
C LEU C 2 -17.91 6.39 -33.83
N SER C 3 -17.61 5.74 -32.71
CA SER C 3 -18.47 5.79 -31.54
C SER C 3 -17.65 5.70 -30.25
N VAL C 4 -18.35 5.69 -29.12
CA VAL C 4 -17.69 5.65 -27.81
C VAL C 4 -17.92 4.32 -27.11
N TYR C 5 -17.07 4.01 -26.14
CA TYR C 5 -16.98 2.67 -25.59
C TYR C 5 -16.64 2.69 -24.11
N ASN C 6 -16.54 1.51 -23.50
CA ASN C 6 -16.38 1.40 -22.06
C ASN C 6 -14.93 1.14 -21.65
N VAL C 7 -14.46 1.88 -20.65
CA VAL C 7 -15.16 1.96 -19.37
C VAL C 7 -15.05 0.64 -18.61
N GLN C 8 -14.14 -0.22 -19.05
CA GLN C 8 -13.72 -1.36 -18.25
C GLN C 8 -12.29 -1.18 -17.74
N ALA C 9 -12.13 -0.32 -16.74
CA ALA C 9 -13.09 -0.23 -15.64
C ALA C 9 -12.39 0.00 -14.31
N THR C 10 -11.18 -0.55 -14.18
CA THR C 10 -10.79 -1.23 -12.95
C THR C 10 -10.83 -0.27 -11.76
N ASN C 11 -11.18 -0.81 -10.59
CA ASN C 11 -11.29 0.00 -9.38
C ASN C 11 -10.98 -0.81 -8.12
N ILE C 12 -9.84 -0.50 -7.51
CA ILE C 12 -9.43 -1.19 -6.28
C ILE C 12 -9.04 -0.18 -5.20
N PRO C 13 -9.96 0.07 -4.26
CA PRO C 13 -9.73 0.99 -3.16
C PRO C 13 -8.83 0.38 -2.09
N PRO C 14 -8.58 1.12 -0.99
CA PRO C 14 -7.75 0.64 0.11
C PRO C 14 -8.48 -0.42 0.93
N LYS C 15 -7.95 -0.70 2.12
CA LYS C 15 -8.51 -1.75 2.96
C LYS C 15 -8.16 -1.52 4.43
N GLU C 16 -7.00 -0.90 4.67
CA GLU C 16 -6.46 -0.79 6.02
C GLU C 16 -7.02 -1.86 6.94
N THR C 17 -6.35 -3.01 6.96
CA THR C 17 -6.73 -4.08 7.87
C THR C 17 -7.27 -3.53 9.19
N LEU C 18 -8.37 -4.11 9.65
CA LEU C 18 -9.00 -3.66 10.89
C LEU C 18 -8.01 -3.62 12.03
N VAL C 19 -8.49 -3.28 13.22
CA VAL C 19 -7.68 -3.36 14.44
C VAL C 19 -8.53 -3.21 15.68
N TYR C 20 -8.15 -3.93 16.74
CA TYR C 20 -8.82 -3.79 18.04
C TYR C 20 -7.88 -3.21 19.08
N THR C 21 -8.45 -2.83 20.22
CA THR C 21 -7.65 -2.25 21.31
C THR C 21 -7.95 -2.94 22.63
N LYS C 22 -7.03 -3.79 23.08
CA LYS C 22 -7.23 -4.59 24.28
C LYS C 22 -6.19 -4.26 25.34
N GLN C 23 -6.58 -4.36 26.60
CA GLN C 23 -5.67 -4.07 27.71
C GLN C 23 -5.59 -5.25 28.68
N THR C 24 -4.41 -5.47 29.23
CA THR C 24 -4.17 -6.62 30.11
C THR C 24 -3.35 -6.22 31.33
N GLN C 25 -3.58 -6.90 32.44
CA GLN C 25 -2.70 -6.79 33.61
C GLN C 25 -2.39 -8.16 34.21
N THR C 26 -1.44 -8.19 35.13
CA THR C 26 -0.92 -9.45 35.64
C THR C 26 -1.29 -9.65 37.10
N THR C 27 -1.43 -10.91 37.51
CA THR C 27 -1.80 -11.23 38.88
C THR C 27 -0.58 -11.33 39.78
N ASN D 1 4.55 0.44 -43.98
CA ASN D 1 3.88 1.75 -43.76
C ASN D 1 4.06 2.26 -42.33
N LEU D 2 3.94 1.36 -41.36
CA LEU D 2 3.96 1.75 -39.95
C LEU D 2 4.95 0.89 -39.17
N SER D 3 5.46 1.44 -38.07
CA SER D 3 6.32 0.68 -37.16
C SER D 3 6.14 1.15 -35.72
N VAL D 4 6.83 0.49 -34.80
CA VAL D 4 6.74 0.83 -33.38
C VAL D 4 7.07 2.30 -33.15
N TYR D 5 6.83 2.77 -31.93
CA TYR D 5 7.23 4.11 -31.53
C TYR D 5 7.22 4.25 -30.01
N ASN D 6 7.69 5.41 -29.53
CA ASN D 6 8.42 5.47 -28.26
C ASN D 6 7.53 5.13 -27.07
N VAL D 7 8.12 4.49 -26.06
CA VAL D 7 7.46 4.36 -24.76
C VAL D 7 7.12 5.72 -24.17
N GLN D 8 6.21 5.72 -23.21
CA GLN D 8 5.99 6.90 -22.37
C GLN D 8 5.95 6.53 -20.89
N ALA D 9 7.12 6.47 -20.26
CA ALA D 9 7.27 5.83 -18.96
C ALA D 9 7.37 6.87 -17.85
N THR D 10 6.56 6.70 -16.82
CA THR D 10 6.62 7.56 -15.64
C THR D 10 6.30 6.78 -14.37
N ASN D 11 7.11 6.98 -13.34
CA ASN D 11 7.07 6.13 -12.15
C ASN D 11 7.28 6.91 -10.87
N ILE D 12 6.48 6.61 -9.85
CA ILE D 12 6.64 7.22 -8.54
C ILE D 12 7.18 6.22 -7.53
N PRO D 13 8.52 6.20 -7.37
CA PRO D 13 9.19 5.27 -6.48
C PRO D 13 8.58 5.26 -5.08
N PRO D 14 8.32 4.08 -4.53
CA PRO D 14 7.77 3.92 -3.19
C PRO D 14 8.57 4.72 -2.16
N LYS D 15 8.53 4.28 -0.90
CA LYS D 15 9.30 4.92 0.16
C LYS D 15 9.33 4.04 1.41
N GLU D 16 8.15 3.62 1.85
CA GLU D 16 8.05 2.68 2.97
C GLU D 16 8.73 3.23 4.21
N THR D 17 7.95 3.85 5.09
CA THR D 17 8.49 4.51 6.26
C THR D 17 9.50 3.63 6.99
N LEU D 18 10.29 4.24 7.86
CA LEU D 18 11.34 3.53 8.58
C LEU D 18 10.81 2.89 9.86
N VAL D 19 11.56 1.95 10.42
CA VAL D 19 11.22 1.35 11.69
C VAL D 19 12.43 0.69 12.33
N TYR D 20 12.62 0.93 13.63
CA TYR D 20 13.66 0.26 14.40
C TYR D 20 13.08 -0.74 15.38
N THR D 21 13.85 -1.78 15.70
CA THR D 21 13.49 -2.70 16.76
C THR D 21 14.28 -2.42 18.03
N LYS D 22 13.71 -2.78 19.18
CA LYS D 22 14.24 -2.39 20.47
C LYS D 22 14.04 -3.48 21.52
N GLN D 23 14.98 -3.56 22.46
CA GLN D 23 14.93 -4.59 23.49
C GLN D 23 15.27 -4.01 24.86
N THR D 24 14.49 -4.40 25.87
CA THR D 24 14.52 -3.71 27.16
C THR D 24 14.13 -4.66 28.30
N GLN D 25 14.96 -4.70 29.34
CA GLN D 25 14.69 -5.52 30.50
C GLN D 25 14.62 -4.69 31.77
N THR D 26 13.68 -5.04 32.64
CA THR D 26 13.55 -4.39 33.94
C THR D 26 14.51 -5.01 34.96
N THR D 27 14.63 -4.38 36.12
CA THR D 27 15.45 -4.92 37.20
C THR D 27 14.58 -5.51 38.31
N LYS E 5 0.22 -27.04 30.05
CA LYS E 5 0.61 -26.25 31.25
C LYS E 5 0.41 -24.76 31.02
N ALA E 6 -0.17 -24.42 29.87
CA ALA E 6 -0.52 -23.03 29.57
C ALA E 6 -1.83 -22.63 30.24
N VAL E 7 -1.94 -21.35 30.58
CA VAL E 7 -3.24 -20.75 30.85
C VAL E 7 -3.48 -19.52 29.96
N ILE E 8 -4.30 -19.69 28.93
CA ILE E 8 -4.75 -18.58 28.11
C ILE E 8 -5.60 -17.61 28.93
N LYS E 9 -5.29 -16.33 28.81
CA LYS E 9 -6.01 -15.29 29.55
C LYS E 9 -6.89 -14.46 28.64
N ASN E 10 -6.42 -14.24 27.41
CA ASN E 10 -7.08 -13.33 26.49
C ASN E 10 -6.62 -13.53 25.05
N ALA E 11 -7.56 -13.83 24.17
CA ALA E 11 -7.25 -14.48 22.90
C ALA E 11 -7.98 -13.80 21.74
N ASP E 12 -7.21 -13.35 20.75
CA ASP E 12 -7.78 -12.94 19.47
C ASP E 12 -6.87 -13.31 18.31
N MET E 13 -7.36 -14.19 17.45
CA MET E 13 -6.54 -15.28 16.90
C MET E 13 -6.97 -16.62 17.48
N SER E 14 -6.25 -17.67 17.10
CA SER E 14 -6.39 -18.26 15.77
C SER E 14 -6.57 -19.77 15.85
N GLU E 15 -6.67 -20.29 17.07
CA GLU E 15 -6.52 -21.72 17.31
C GLU E 15 -5.17 -22.23 16.82
N GLU E 16 -5.09 -22.51 15.52
CA GLU E 16 -3.84 -22.94 14.91
C GLU E 16 -2.71 -21.96 15.20
N MET E 17 -3.02 -20.67 15.08
CA MET E 17 -2.06 -19.62 15.43
C MET E 17 -1.94 -19.47 16.94
N GLN E 18 -3.06 -19.59 17.64
CA GLN E 18 -3.04 -19.75 19.09
C GLN E 18 -1.98 -20.75 19.52
N GLN E 19 -1.89 -21.86 18.79
CA GLN E 19 -0.98 -22.94 19.15
C GLN E 19 0.47 -22.51 19.06
N ASP E 20 0.89 -22.13 17.85
CA ASP E 20 2.26 -21.68 17.62
C ASP E 20 2.65 -20.58 18.60
N ALA E 21 1.65 -19.88 19.13
CA ALA E 21 1.87 -18.93 20.21
C ALA E 21 2.36 -19.64 21.47
N VAL E 22 1.52 -20.51 22.01
CA VAL E 22 1.91 -21.36 23.14
C VAL E 22 3.13 -22.20 22.79
N ASP E 23 3.07 -22.88 21.64
CA ASP E 23 4.06 -23.89 21.30
C ASP E 23 5.47 -23.31 21.36
N CYS E 24 5.68 -22.17 20.70
CA CYS E 24 7.01 -21.60 20.54
C CYS E 24 7.39 -20.73 21.74
N ALA E 25 6.38 -20.22 22.43
CA ALA E 25 6.57 -19.74 23.80
C ALA E 25 7.21 -20.79 24.68
N THR E 26 6.50 -21.90 24.89
CA THR E 26 7.02 -23.03 25.66
C THR E 26 8.51 -23.25 25.36
N GLN E 27 8.91 -22.94 24.13
CA GLN E 27 10.27 -23.20 23.69
C GLN E 27 11.23 -22.14 24.22
N ALA E 28 10.92 -20.87 23.98
CA ALA E 28 11.67 -19.77 24.57
C ALA E 28 11.82 -19.94 26.06
N LEU E 29 10.77 -20.41 26.72
CA LEU E 29 10.78 -20.58 28.16
C LEU E 29 11.96 -21.43 28.62
N GLU E 30 12.26 -22.47 27.86
CA GLU E 30 13.25 -23.46 28.27
C GLU E 30 14.61 -23.18 27.62
N LYS E 31 14.60 -22.39 26.55
CA LYS E 31 15.83 -22.04 25.85
C LYS E 31 16.54 -20.87 26.51
N TYR E 32 15.75 -19.92 27.02
CA TYR E 32 16.30 -18.67 27.54
C TYR E 32 15.87 -18.45 28.99
N ASN E 33 16.74 -17.79 29.75
CA ASN E 33 16.47 -17.57 31.17
C ASN E 33 15.89 -16.19 31.45
N ILE E 34 16.20 -15.24 30.58
CA ILE E 34 15.89 -13.83 30.83
C ILE E 34 14.68 -13.38 30.04
N GLU E 35 13.80 -12.63 30.69
CA GLU E 35 12.52 -12.25 30.10
C GLU E 35 12.71 -11.66 28.71
N LYS E 36 13.73 -10.82 28.55
CA LYS E 36 13.93 -10.07 27.32
C LYS E 36 14.23 -11.01 26.16
N ASP E 37 15.07 -12.01 26.42
CA ASP E 37 15.46 -12.96 25.38
C ASP E 37 14.30 -13.85 24.96
N ILE E 38 13.49 -14.25 25.94
CA ILE E 38 12.21 -14.90 25.65
C ILE E 38 11.38 -14.09 24.66
N ALA E 39 11.07 -12.86 25.03
CA ALA E 39 10.37 -11.94 24.14
C ALA E 39 10.92 -12.00 22.72
N ALA E 40 12.22 -11.74 22.59
CA ALA E 40 12.85 -11.63 21.29
C ALA E 40 12.67 -12.91 20.48
N TYR E 41 12.79 -14.05 21.15
CA TYR E 41 12.57 -15.34 20.51
C TYR E 41 11.20 -15.41 19.86
N ILE E 42 10.16 -15.09 20.64
CA ILE E 42 8.79 -15.29 20.20
C ILE E 42 8.40 -14.26 19.14
N LYS E 43 8.84 -13.03 19.32
CA LYS E 43 8.67 -12.00 18.30
C LYS E 43 9.19 -12.48 16.95
N LYS E 44 10.51 -12.63 16.84
CA LYS E 44 11.14 -12.99 15.58
C LYS E 44 10.46 -14.20 14.95
N GLU E 45 10.29 -15.25 15.74
CA GLU E 45 9.65 -16.47 15.25
C GLU E 45 8.33 -16.17 14.55
N PHE E 46 7.66 -15.11 14.99
CA PHE E 46 6.31 -14.81 14.53
C PHE E 46 6.33 -13.79 13.40
N ASP E 47 7.24 -12.83 13.49
CA ASP E 47 7.61 -12.02 12.33
C ASP E 47 7.91 -12.88 11.11
N LYS E 48 8.69 -13.94 11.33
CA LYS E 48 9.08 -14.83 10.24
C LYS E 48 7.87 -15.57 9.67
N LYS E 49 7.16 -16.28 10.53
CA LYS E 49 6.09 -17.17 10.10
C LYS E 49 4.90 -16.38 9.58
N TYR E 50 4.51 -15.34 10.31
CA TYR E 50 3.20 -14.73 10.15
C TYR E 50 3.32 -13.28 9.67
N ASN E 51 4.54 -12.88 9.32
CA ASN E 51 4.76 -11.63 8.63
C ASN E 51 4.68 -10.42 9.57
N PRO E 52 5.59 -9.46 9.39
CA PRO E 52 5.70 -8.30 10.27
C PRO E 52 4.37 -7.60 10.45
N THR E 53 4.27 -6.73 11.45
CA THR E 53 5.25 -6.72 12.55
C THR E 53 4.58 -7.10 13.87
N TRP E 54 5.26 -7.95 14.65
CA TRP E 54 4.73 -8.41 15.92
C TRP E 54 5.44 -7.74 17.09
N HIS E 55 4.89 -7.90 18.28
CA HIS E 55 5.52 -7.39 19.50
C HIS E 55 5.30 -8.34 20.67
N CYS E 56 6.39 -8.70 21.34
CA CYS E 56 6.31 -9.59 22.50
C CYS E 56 6.73 -8.87 23.77
N ILE E 57 5.92 -9.00 24.82
CA ILE E 57 6.33 -8.63 26.17
C ILE E 57 6.23 -9.82 27.12
N VAL E 58 7.32 -10.09 27.84
CA VAL E 58 7.32 -11.15 28.84
C VAL E 58 7.74 -10.62 30.20
N GLY E 59 6.94 -10.92 31.22
CA GLY E 59 7.30 -10.62 32.60
C GLY E 59 6.36 -11.27 33.59
N ARG E 60 6.40 -10.79 34.84
CA ARG E 60 5.69 -11.43 35.93
C ARG E 60 4.61 -10.52 36.50
N ASN E 61 4.96 -9.27 36.73
CA ASN E 61 3.98 -8.24 37.04
C ASN E 61 4.13 -7.01 36.16
N PHE E 62 3.41 -6.99 35.04
CA PHE E 62 3.32 -5.79 34.21
C PHE E 62 1.88 -5.55 33.77
N GLY E 63 1.59 -4.30 33.40
CA GLY E 63 0.31 -3.96 32.80
C GLY E 63 0.44 -3.30 31.45
N SER E 64 -0.64 -3.32 30.67
CA SER E 64 -0.52 -3.20 29.22
C SER E 64 -1.80 -2.61 28.62
N TYR E 65 -1.64 -1.62 27.76
CA TYR E 65 -2.72 -1.17 26.90
C TYR E 65 -2.25 -0.95 25.46
N VAL E 66 -2.72 -1.81 24.56
CA VAL E 66 -2.16 -1.89 23.22
C VAL E 66 -3.25 -1.94 22.16
N THR E 67 -2.90 -1.60 20.92
CA THR E 67 -3.77 -1.82 19.78
C THR E 67 -3.19 -2.89 18.86
N HIS E 68 -3.99 -3.89 18.52
CA HIS E 68 -3.57 -4.95 17.61
C HIS E 68 -4.48 -5.00 16.38
N GLU E 69 -4.14 -5.89 15.45
CA GLU E 69 -5.01 -6.21 14.34
C GLU E 69 -5.94 -7.36 14.68
N THR E 70 -7.19 -7.26 14.24
CA THR E 70 -8.16 -8.33 14.44
C THR E 70 -7.54 -9.70 14.20
N ARG E 71 -7.60 -10.57 15.21
CA ARG E 71 -7.23 -11.97 15.04
C ARG E 71 -5.71 -12.13 15.01
N HIS E 72 -5.01 -11.24 15.69
CA HIS E 72 -3.55 -11.30 15.76
C HIS E 72 -3.05 -10.85 17.13
N PHE E 73 -3.75 -11.28 18.18
CA PHE E 73 -3.39 -10.90 19.54
C PHE E 73 -3.58 -12.05 20.51
N ILE E 74 -2.68 -12.17 21.47
CA ILE E 74 -2.77 -13.20 22.50
C ILE E 74 -1.97 -12.83 23.73
N TYR E 75 -2.52 -13.12 24.91
CA TYR E 75 -1.83 -12.91 26.17
C TYR E 75 -2.14 -14.03 27.16
N PHE E 76 -1.12 -14.76 27.58
CA PHE E 76 -1.31 -16.03 28.24
C PHE E 76 -0.20 -16.30 29.25
N TYR E 77 -0.47 -17.21 30.19
CA TYR E 77 0.51 -17.56 31.21
C TYR E 77 1.21 -18.87 30.86
N LEU E 78 2.54 -18.89 30.99
CA LEU E 78 3.29 -20.14 31.03
C LEU E 78 3.98 -20.31 32.39
N GLY E 79 3.50 -21.28 33.16
CA GLY E 79 3.87 -21.38 34.57
C GLY E 79 3.32 -20.22 35.40
N GLN E 80 4.19 -19.26 35.71
CA GLN E 80 3.74 -17.97 36.23
C GLN E 80 4.42 -16.82 35.50
N VAL E 81 4.73 -17.04 34.22
CA VAL E 81 5.29 -15.98 33.38
C VAL E 81 4.24 -15.44 32.41
N ALA E 82 3.99 -14.14 32.47
CA ALA E 82 3.07 -13.49 31.55
C ALA E 82 3.66 -13.38 30.15
N ILE E 83 2.87 -13.73 29.15
CA ILE E 83 3.32 -13.65 27.76
C ILE E 83 2.31 -12.92 26.89
N LEU E 84 2.71 -11.75 26.39
CA LEU E 84 1.84 -10.95 25.54
C LEU E 84 2.46 -10.73 24.16
N LEU E 85 1.62 -10.72 23.14
CA LEU E 85 2.07 -10.97 21.77
C LEU E 85 0.99 -10.62 20.76
N PHE E 86 1.30 -9.66 19.89
CA PHE E 86 0.29 -9.07 19.02
C PHE E 86 0.92 -8.34 17.84
N LYS E 87 0.16 -8.16 16.78
CA LYS E 87 0.66 -7.53 15.56
C LYS E 87 0.06 -6.15 15.37
N SER E 88 0.89 -5.20 14.94
CA SER E 88 0.47 -3.82 14.82
C SER E 88 1.48 -3.00 14.01
N GLY E 89 1.33 -3.00 12.69
CA GLY E 89 2.04 -2.06 11.84
C GLY E 89 2.83 -2.77 10.75
N LYS F 5 12.43 13.16 39.34
CA LYS F 5 12.87 11.84 39.89
C LYS F 5 12.62 10.72 38.89
N ALA F 6 13.02 10.95 37.64
CA ALA F 6 12.71 10.02 36.56
C ALA F 6 13.95 9.74 35.71
N VAL F 7 14.28 8.46 35.56
CA VAL F 7 15.47 8.06 34.82
C VAL F 7 15.11 7.52 33.43
N ILE F 8 15.68 8.14 32.40
CA ILE F 8 15.45 7.70 31.03
C ILE F 8 16.48 6.67 30.59
N LYS F 9 16.02 5.44 30.41
CA LYS F 9 16.92 4.31 30.17
C LYS F 9 17.32 4.24 28.70
N ASN F 10 16.34 4.43 27.81
CA ASN F 10 16.61 4.54 26.38
C ASN F 10 15.51 5.28 25.64
N ALA F 11 15.90 6.17 24.73
CA ALA F 11 14.97 7.11 24.13
C ALA F 11 15.29 7.33 22.65
N ASP F 12 14.25 7.34 21.83
CA ASP F 12 14.38 7.73 20.42
C ASP F 12 13.22 8.63 20.00
N MET F 13 13.48 9.94 19.97
CA MET F 13 12.51 10.92 20.45
C MET F 13 12.98 11.57 21.73
N SER F 14 13.46 12.81 21.63
CA SER F 14 12.75 13.83 20.86
C SER F 14 12.45 15.06 21.71
N GLU F 15 13.47 15.56 22.40
CA GLU F 15 13.25 16.34 23.62
C GLU F 15 11.77 16.45 23.96
N GLU F 16 11.09 17.38 23.30
CA GLU F 16 9.79 17.86 23.79
C GLU F 16 8.83 16.71 24.01
N MET F 17 8.61 15.90 22.96
CA MET F 17 7.88 14.65 23.09
C MET F 17 8.33 13.88 24.33
N GLN F 18 9.63 13.59 24.40
CA GLN F 18 10.19 12.87 25.54
C GLN F 18 9.68 13.45 26.85
N GLN F 19 9.94 14.73 27.07
CA GLN F 19 9.61 15.38 28.34
C GLN F 19 8.11 15.47 28.54
N ASP F 20 7.36 15.43 27.43
CA ASP F 20 5.91 15.39 27.48
C ASP F 20 5.41 14.01 27.92
N ALA F 21 6.02 12.97 27.38
CA ALA F 21 5.76 11.60 27.83
C ALA F 21 6.09 11.45 29.31
N VAL F 22 7.23 11.97 29.72
CA VAL F 22 7.65 11.92 31.12
C VAL F 22 6.59 12.55 32.03
N ASP F 23 6.28 13.82 31.77
CA ASP F 23 5.46 14.60 32.68
C ASP F 23 4.03 14.09 32.71
N CYS F 24 3.57 13.58 31.58
CA CYS F 24 2.32 12.82 31.53
C CYS F 24 2.34 11.67 32.53
N ALA F 25 3.20 10.69 32.28
CA ALA F 25 3.19 9.45 33.03
C ALA F 25 3.05 9.70 34.53
N THR F 26 3.59 10.82 34.98
CA THR F 26 3.59 11.14 36.41
C THR F 26 2.19 11.43 36.91
N GLN F 27 1.47 12.30 36.20
CA GLN F 27 0.02 12.39 36.32
C GLN F 27 -0.60 11.00 36.44
N ALA F 28 -0.46 10.20 35.37
CA ALA F 28 -0.95 8.83 35.37
C ALA F 28 -0.67 8.15 36.71
N LEU F 29 0.52 8.38 37.25
CA LEU F 29 1.05 7.54 38.31
C LEU F 29 0.61 8.03 39.68
N GLU F 30 -0.34 8.95 39.70
CA GLU F 30 -0.84 9.51 40.95
C GLU F 30 -2.37 9.50 40.98
N LYS F 31 -2.98 9.65 39.82
CA LYS F 31 -4.41 9.38 39.65
C LYS F 31 -4.70 7.89 39.81
N TYR F 32 -4.02 7.07 39.01
CA TYR F 32 -4.32 5.64 38.95
C TYR F 32 -3.29 4.84 39.75
N ASN F 33 -3.76 3.78 40.40
CA ASN F 33 -2.89 2.95 41.24
C ASN F 33 -2.60 1.60 40.61
N ILE F 34 -3.45 1.20 39.67
CA ILE F 34 -3.33 -0.10 39.03
C ILE F 34 -2.50 0.00 37.75
N GLU F 35 -1.56 -0.93 37.58
CA GLU F 35 -0.52 -0.80 36.57
C GLU F 35 -1.14 -0.68 35.18
N LYS F 36 -2.22 -1.39 34.94
CA LYS F 36 -2.83 -1.46 33.63
C LYS F 36 -3.60 -0.18 33.30
N ASP F 37 -3.92 0.59 34.34
CA ASP F 37 -4.62 1.86 34.16
C ASP F 37 -3.66 2.99 33.87
N ILE F 38 -2.46 2.90 34.43
CA ILE F 38 -1.38 3.83 34.10
C ILE F 38 -1.05 3.79 32.62
N ALA F 39 -0.91 2.59 32.09
CA ALA F 39 -0.72 2.40 30.65
C ALA F 39 -1.88 3.00 29.86
N ALA F 40 -3.10 2.63 30.23
CA ALA F 40 -4.29 3.17 29.60
C ALA F 40 -4.19 4.68 29.41
N TYR F 41 -3.88 5.38 30.49
CA TYR F 41 -3.93 6.84 30.51
C TYR F 41 -2.94 7.44 29.52
N ILE F 42 -1.75 6.84 29.45
CA ILE F 42 -0.69 7.34 28.57
C ILE F 42 -0.99 7.03 27.11
N LYS F 43 -1.31 5.77 26.84
CA LYS F 43 -1.67 5.34 25.49
C LYS F 43 -2.77 6.22 24.91
N LYS F 44 -3.83 6.43 25.68
CA LYS F 44 -4.95 7.25 25.24
C LYS F 44 -4.49 8.68 24.93
N GLU F 45 -3.72 9.26 25.84
CA GLU F 45 -3.35 10.66 25.74
C GLU F 45 -2.55 10.94 24.46
N PHE F 46 -1.80 9.94 24.02
CA PHE F 46 -0.86 10.13 22.93
C PHE F 46 -1.55 10.02 21.56
N ASP F 47 -2.43 9.04 21.44
CA ASP F 47 -3.33 8.96 20.30
C ASP F 47 -4.06 10.28 20.08
N LYS F 48 -4.42 10.94 21.18
CA LYS F 48 -5.03 12.26 21.10
C LYS F 48 -4.08 13.28 20.48
N LYS F 49 -2.92 13.46 21.11
CA LYS F 49 -1.93 14.42 20.63
C LYS F 49 -1.28 13.94 19.34
N TYR F 50 -0.50 12.87 19.44
CA TYR F 50 0.56 12.60 18.47
C TYR F 50 0.12 11.57 17.45
N ASN F 51 -1.15 11.19 17.50
CA ASN F 51 -1.75 10.36 16.47
C ASN F 51 -1.47 8.87 16.69
N PRO F 52 -2.51 8.04 16.52
CA PRO F 52 -2.37 6.58 16.51
C PRO F 52 -1.27 6.14 15.54
N THR F 53 -0.59 5.05 15.89
CA THR F 53 -1.10 4.11 16.88
C THR F 53 -0.04 3.81 17.94
N TRP F 54 -0.30 4.23 19.17
CA TRP F 54 0.68 4.11 20.25
C TRP F 54 0.40 2.87 21.09
N HIS F 55 1.43 2.40 21.79
CA HIS F 55 1.28 1.28 22.71
C HIS F 55 2.09 1.50 23.99
N CYS F 56 1.53 1.07 25.12
CA CYS F 56 2.15 1.33 26.42
C CYS F 56 2.20 0.07 27.27
N ILE F 57 3.33 -0.16 27.90
CA ILE F 57 3.42 -1.13 29.00
C ILE F 57 3.97 -0.49 30.27
N VAL F 58 3.45 -0.92 31.41
CA VAL F 58 3.82 -0.32 32.69
C VAL F 58 3.91 -1.39 33.79
N GLY F 59 5.11 -1.62 34.29
CA GLY F 59 5.43 -2.87 34.96
C GLY F 59 6.65 -2.76 35.85
N ARG F 60 6.80 -3.70 36.77
CA ARG F 60 8.02 -3.82 37.56
C ARG F 60 8.90 -4.96 37.05
N ASN F 61 8.28 -6.09 36.72
CA ASN F 61 8.98 -7.18 36.07
C ASN F 61 8.46 -7.46 34.67
N PHE F 62 9.24 -7.07 33.66
CA PHE F 62 8.99 -7.50 32.29
C PHE F 62 10.15 -7.12 31.38
N GLY F 63 10.33 -7.90 30.31
CA GLY F 63 11.15 -7.46 29.19
C GLY F 63 10.40 -7.54 27.88
N SER F 64 10.98 -6.94 26.83
CA SER F 64 10.24 -6.63 25.62
C SER F 64 11.14 -6.71 24.39
N TYR F 65 10.65 -7.37 23.34
CA TYR F 65 11.12 -7.11 21.99
C TYR F 65 10.03 -6.45 21.15
N VAL F 66 10.29 -5.21 20.74
CA VAL F 66 9.26 -4.39 20.10
C VAL F 66 9.82 -3.69 18.86
N THR F 67 8.93 -3.34 17.94
CA THR F 67 9.31 -2.61 16.74
C THR F 67 8.54 -1.30 16.61
N HIS F 68 9.26 -0.18 16.59
CA HIS F 68 8.65 1.13 16.52
C HIS F 68 9.09 1.88 15.27
N GLU F 69 8.51 3.06 15.05
CA GLU F 69 8.95 3.94 13.97
C GLU F 69 9.58 5.21 14.53
N THR F 70 10.33 5.91 13.67
CA THR F 70 11.48 6.69 14.12
C THR F 70 11.05 7.80 15.08
N ARG F 71 11.90 8.08 16.06
CA ARG F 71 11.67 9.19 16.99
C ARG F 71 10.30 9.06 17.66
N HIS F 72 9.91 7.83 17.96
CA HIS F 72 8.62 7.57 18.59
C HIS F 72 8.72 6.43 19.60
N PHE F 73 9.82 6.41 20.36
CA PHE F 73 10.07 5.33 21.31
C PHE F 73 10.71 5.87 22.60
N ILE F 74 10.26 5.33 23.73
CA ILE F 74 10.75 5.78 25.02
C ILE F 74 10.60 4.69 26.08
N TYR F 75 11.59 4.61 26.97
CA TYR F 75 11.57 3.59 28.02
C TYR F 75 12.30 4.08 29.27
N PHE F 76 11.53 4.42 30.30
CA PHE F 76 12.07 5.09 31.48
C PHE F 76 11.47 4.52 32.75
N TYR F 77 12.09 4.83 33.89
CA TYR F 77 11.55 4.47 35.19
C TYR F 77 10.92 5.68 35.88
N LEU F 78 9.88 5.43 36.66
CA LEU F 78 9.48 6.34 37.73
C LEU F 78 9.67 5.70 39.10
N GLY F 79 10.80 5.96 39.73
CA GLY F 79 11.26 5.16 40.86
C GLY F 79 11.56 3.73 40.46
N GLN F 80 10.61 2.83 40.73
CA GLN F 80 10.74 1.44 40.34
C GLN F 80 9.91 1.14 39.10
N VAL F 81 8.80 1.86 38.94
CA VAL F 81 7.88 1.62 37.84
C VAL F 81 8.51 2.00 36.50
N ALA F 82 8.64 1.00 35.62
CA ALA F 82 9.17 1.24 34.27
C ALA F 82 8.04 1.46 33.27
N ILE F 83 8.19 2.47 32.42
CA ILE F 83 7.28 2.69 31.32
C ILE F 83 7.93 2.36 29.98
N LEU F 84 7.29 1.49 29.22
CA LEU F 84 7.58 1.35 27.79
C LEU F 84 6.48 1.98 26.95
N LEU F 85 6.86 2.93 26.09
CA LEU F 85 5.90 3.58 25.21
C LEU F 85 6.51 3.81 23.82
N PHE F 86 5.79 3.38 22.79
CA PHE F 86 6.26 3.51 21.42
C PHE F 86 5.09 3.59 20.44
N LYS F 87 5.36 4.10 19.24
CA LYS F 87 4.36 4.14 18.18
C LYS F 87 4.65 3.08 17.12
N SER F 88 3.59 2.51 16.57
CA SER F 88 3.72 1.45 15.56
C SER F 88 2.41 1.21 14.84
N GLY F 89 2.23 1.88 13.70
CA GLY F 89 1.30 1.42 12.68
C GLY F 89 -0.02 2.17 12.72
#